data_6PQ6
#
_entry.id   6PQ6
#
_cell.length_a   44.460
_cell.length_b   51.380
_cell.length_c   78.930
_cell.angle_alpha   90.000
_cell.angle_beta   92.490
_cell.angle_gamma   90.000
#
_symmetry.space_group_name_H-M   'P 1 21 1'
#
loop_
_entity.id
_entity.type
_entity.pdbx_description
1 polymer 'Cytochrome P450'
2 non-polymer '3-methoxybenzoic acid'
3 non-polymer 'PROTOPORPHYRIN IX CONTAINING FE'
4 non-polymer 'CHLORIDE ION'
5 water water
#
_entity_poly.entity_id   1
_entity_poly.type   'polypeptide(L)'
_entity_poly.pdbx_seq_one_letter_code
;MISNSSAESISAPPNDSTIPHLAIDPFSLDFFDDPYPDQQTLRDAGPVVYLDKWNVYGVARYAEVHAVLNDPTTFCSSRG
VGLSDFKKEKPWRPPSLILEADPPAHTRPRAVLSKVLSPATMKTIRDGFAAAADAKVDELLQRGCIDAIADLAEAYPLSV
FPDAMGLKQEGREHLLPYAGLVFNAFGPPNELRQTAIERSAPHQAYVNEQCQRPNLAPGGFGACIHAFTDTGEITPDEAP
LLVRSLLSAGLDTTVNGIGAAVYCLARFPGELQRLRSDPTLARNAFEEAVRFESPVQTFFRTTTREVELGGAVIGEGEKV
LMFLGSANRDPRRWSDPDLYDITRKTSGHVGFGSGVHMCVGQLVARLEGEVMLSALARKVAAIDIDGPVKRRFNNTLRGL
ESLPVKLTPA
;
_entity_poly.pdbx_strand_id   A
#
loop_
_chem_comp.id
_chem_comp.type
_chem_comp.name
_chem_comp.formula
CL non-polymer 'CHLORIDE ION' 'Cl -1'
HEM non-polymer 'PROTOPORPHYRIN IX CONTAINING FE' 'C34 H32 Fe N4 O4'
OVM non-polymer '3-methoxybenzoic acid' 'C8 H8 O3'
#
# COMPACT_ATOMS: atom_id res chain seq x y z
N THR A 18 -3.44 -16.83 29.48
CA THR A 18 -3.92 -17.47 28.25
C THR A 18 -3.20 -16.88 27.04
N ILE A 19 -3.30 -15.56 26.90
CA ILE A 19 -2.70 -14.88 25.75
C ILE A 19 -1.23 -14.61 26.05
N PRO A 20 -0.31 -14.97 25.17
CA PRO A 20 1.10 -14.66 25.41
C PRO A 20 1.38 -13.17 25.27
N HIS A 21 2.17 -12.64 26.19
CA HIS A 21 2.60 -11.25 26.15
C HIS A 21 4.02 -11.17 25.60
N LEU A 22 4.22 -10.33 24.60
CA LEU A 22 5.52 -10.15 23.97
C LEU A 22 5.95 -8.70 24.07
N ALA A 23 7.27 -8.50 24.14
CA ALA A 23 7.87 -7.18 24.22
C ALA A 23 8.35 -6.66 22.86
N ILE A 24 8.10 -7.41 21.79
CA ILE A 24 8.50 -6.98 20.46
C ILE A 24 7.83 -5.65 20.12
N ASP A 25 8.63 -4.70 19.63
CA ASP A 25 8.10 -3.46 19.09
C ASP A 25 8.06 -3.56 17.57
N PRO A 26 6.89 -3.77 16.95
CA PRO A 26 6.83 -3.88 15.49
C PRO A 26 7.01 -2.55 14.78
N PHE A 27 7.21 -1.46 15.51
CA PHE A 27 7.44 -0.15 14.92
C PHE A 27 8.83 0.40 15.24
N SER A 28 9.73 -0.46 15.71
CA SER A 28 11.11 -0.08 15.98
C SER A 28 11.94 -0.22 14.71
N LEU A 29 13.03 0.57 14.64
CA LEU A 29 13.89 0.51 13.46
C LEU A 29 14.52 -0.86 13.30
N ASP A 30 14.87 -1.51 14.42
CA ASP A 30 15.42 -2.87 14.34
C ASP A 30 14.44 -3.83 13.68
N PHE A 31 13.16 -3.73 14.05
CA PHE A 31 12.13 -4.56 13.44
C PHE A 31 12.03 -4.28 11.94
N PHE A 32 11.94 -3.00 11.56
CA PHE A 32 11.86 -2.65 10.14
C PHE A 32 13.04 -3.19 9.36
N ASP A 33 14.23 -3.16 9.97
CA ASP A 33 15.45 -3.56 9.27
C ASP A 33 15.40 -5.03 8.86
N ASP A 34 14.79 -5.88 9.69
CA ASP A 34 14.61 -7.29 9.36
C ASP A 34 13.42 -7.83 10.16
N PRO A 35 12.22 -7.77 9.61
CA PRO A 35 11.04 -8.13 10.39
C PRO A 35 10.73 -9.62 10.43
N TYR A 36 11.39 -10.43 9.61
CA TYR A 36 10.92 -11.80 9.41
C TYR A 36 11.11 -12.71 10.62
N PRO A 37 12.25 -12.67 11.33
CA PRO A 37 12.33 -13.49 12.56
C PRO A 37 11.29 -13.11 13.60
N ASP A 38 11.12 -11.81 13.88
CA ASP A 38 10.12 -11.39 14.84
C ASP A 38 8.71 -11.75 14.38
N GLN A 39 8.45 -11.71 13.06
CA GLN A 39 7.13 -12.09 12.58
C GLN A 39 6.87 -13.58 12.79
N GLN A 40 7.90 -14.43 12.63
CA GLN A 40 7.71 -15.84 12.97
C GLN A 40 7.46 -16.01 14.46
N THR A 41 8.19 -15.27 15.30
CA THR A 41 7.95 -15.34 16.73
C THR A 41 6.52 -14.94 17.07
N LEU A 42 6.01 -13.89 16.41
CA LEU A 42 4.63 -13.47 16.64
C LEU A 42 3.63 -14.54 16.19
N ARG A 43 3.90 -15.18 15.05
CA ARG A 43 3.00 -16.23 14.57
C ARG A 43 3.01 -17.44 15.50
N ASP A 44 4.20 -17.90 15.89
CA ASP A 44 4.31 -19.16 16.61
C ASP A 44 3.96 -19.03 18.09
N ALA A 45 3.92 -17.81 18.63
CA ALA A 45 3.54 -17.63 20.02
C ALA A 45 2.07 -18.00 20.26
N GLY A 46 1.23 -17.86 19.23
CA GLY A 46 -0.17 -18.18 19.35
C GLY A 46 -0.99 -17.41 18.32
N PRO A 47 -2.25 -17.82 18.14
CA PRO A 47 -3.11 -17.10 17.17
C PRO A 47 -3.36 -15.65 17.55
N VAL A 48 -3.38 -15.33 18.84
CA VAL A 48 -3.56 -13.96 19.32
C VAL A 48 -2.47 -13.68 20.36
N VAL A 49 -1.78 -12.56 20.22
CA VAL A 49 -0.76 -12.14 21.16
C VAL A 49 -1.15 -10.78 21.73
N TYR A 50 -0.49 -10.41 22.83
CA TYR A 50 -0.62 -9.08 23.40
C TYR A 50 0.75 -8.41 23.37
N LEU A 51 0.81 -7.22 22.78
CA LEU A 51 2.05 -6.47 22.64
C LEU A 51 2.14 -5.46 23.77
N ASP A 52 2.94 -5.78 24.78
CA ASP A 52 3.03 -4.94 25.98
C ASP A 52 3.59 -3.55 25.68
N LYS A 53 4.37 -3.42 24.61
CA LYS A 53 4.99 -2.12 24.30
C LYS A 53 3.94 -1.05 24.02
N TRP A 54 2.83 -1.44 23.38
CA TRP A 54 1.81 -0.48 22.97
C TRP A 54 0.42 -0.80 23.49
N ASN A 55 0.25 -1.86 24.29
CA ASN A 55 -1.05 -2.24 24.84
C ASN A 55 -2.09 -2.49 23.75
N VAL A 56 -1.73 -3.34 22.79
CA VAL A 56 -2.64 -3.75 21.73
C VAL A 56 -2.56 -5.26 21.56
N TYR A 57 -3.65 -5.83 21.05
CA TYR A 57 -3.61 -7.22 20.61
C TYR A 57 -3.00 -7.30 19.22
N GLY A 58 -2.38 -8.42 18.93
CA GLY A 58 -1.79 -8.66 17.62
C GLY A 58 -2.19 -10.00 17.05
N VAL A 59 -2.39 -10.01 15.74
CA VAL A 59 -2.63 -11.25 15.00
C VAL A 59 -1.66 -11.28 13.81
N ALA A 60 -0.86 -12.33 13.72
CA ALA A 60 0.16 -12.42 12.69
C ALA A 60 0.00 -13.61 11.75
N ARG A 61 -0.89 -14.54 12.04
CA ARG A 61 -1.15 -15.65 11.13
C ARG A 61 -2.17 -15.25 10.08
N TYR A 62 -2.13 -15.94 8.94
CA TYR A 62 -3.06 -15.65 7.85
C TYR A 62 -4.50 -15.78 8.30
N ALA A 63 -4.82 -16.87 9.02
CA ALA A 63 -6.22 -17.16 9.35
C ALA A 63 -6.85 -16.04 10.16
N GLU A 64 -6.16 -15.58 11.22
CA GLU A 64 -6.75 -14.56 12.08
C GLU A 64 -6.76 -13.19 11.39
N VAL A 65 -5.72 -12.87 10.63
CA VAL A 65 -5.73 -11.61 9.89
C VAL A 65 -6.89 -11.58 8.90
N HIS A 66 -7.09 -12.68 8.18
CA HIS A 66 -8.20 -12.76 7.25
C HIS A 66 -9.54 -12.66 7.97
N ALA A 67 -9.66 -13.33 9.12
CA ALA A 67 -10.92 -13.29 9.87
C ALA A 67 -11.21 -11.88 10.37
N VAL A 68 -10.21 -11.18 10.89
CA VAL A 68 -10.42 -9.83 11.40
C VAL A 68 -10.83 -8.90 10.27
N LEU A 69 -10.12 -8.95 9.14
CA LEU A 69 -10.46 -8.10 7.99
C LEU A 69 -11.90 -8.30 7.54
N ASN A 70 -12.42 -9.53 7.65
CA ASN A 70 -13.72 -9.86 7.09
C ASN A 70 -14.85 -9.81 8.12
N ASP A 71 -14.60 -9.25 9.30
CA ASP A 71 -15.65 -8.96 10.27
C ASP A 71 -15.55 -7.49 10.64
N PRO A 72 -15.97 -6.59 9.75
CA PRO A 72 -15.86 -5.15 10.04
C PRO A 72 -16.83 -4.67 11.11
N THR A 73 -17.87 -5.44 11.43
CA THR A 73 -18.78 -5.05 12.50
C THR A 73 -18.10 -5.15 13.85
N THR A 74 -17.43 -6.28 14.12
CA THR A 74 -16.72 -6.44 15.38
C THR A 74 -15.41 -5.67 15.40
N PHE A 75 -14.68 -5.69 14.29
CA PHE A 75 -13.38 -5.04 14.18
C PHE A 75 -13.53 -3.85 13.24
N CYS A 76 -13.91 -2.71 13.81
CA CYS A 76 -14.31 -1.55 13.03
C CYS A 76 -13.11 -0.69 12.65
N SER A 77 -13.35 0.22 11.70
CA SER A 77 -12.33 1.16 11.23
C SER A 77 -12.62 2.60 11.61
N SER A 78 -13.85 2.92 12.03
CA SER A 78 -14.21 4.31 12.29
C SER A 78 -13.58 4.87 13.57
N ARG A 79 -13.01 4.02 14.42
CA ARG A 79 -12.20 4.49 15.54
C ARG A 79 -10.72 4.56 15.18
N GLY A 80 -10.41 4.54 13.87
CA GLY A 80 -9.05 4.67 13.39
C GLY A 80 -8.41 3.35 13.05
N VAL A 81 -7.61 3.32 11.98
CA VAL A 81 -6.86 2.12 11.62
C VAL A 81 -5.39 2.26 11.96
N GLY A 82 -5.03 3.33 12.69
CA GLY A 82 -3.76 3.41 13.37
C GLY A 82 -3.89 3.08 14.85
N LEU A 83 -2.79 3.31 15.58
CA LEU A 83 -2.80 3.01 17.01
C LEU A 83 -3.83 3.87 17.74
N SER A 84 -3.91 5.15 17.38
CA SER A 84 -4.78 6.07 18.10
C SER A 84 -6.25 5.67 17.95
N ASP A 85 -6.97 5.74 19.06
CA ASP A 85 -8.40 5.42 19.12
C ASP A 85 -9.15 6.75 19.05
N PHE A 86 -9.91 6.95 17.96
CA PHE A 86 -10.58 8.23 17.74
C PHE A 86 -11.62 8.52 18.82
N LYS A 87 -12.06 7.51 19.56
CA LYS A 87 -12.95 7.73 20.69
C LYS A 87 -12.22 8.31 21.90
N LYS A 88 -10.90 8.18 21.94
CA LYS A 88 -10.07 8.69 23.02
C LYS A 88 -9.24 9.90 22.65
N GLU A 89 -8.77 10.00 21.41
CA GLU A 89 -7.91 11.08 20.96
C GLU A 89 -8.50 11.71 19.70
N LYS A 90 -8.13 12.96 19.48
CA LYS A 90 -8.52 13.64 18.25
C LYS A 90 -7.66 13.13 17.09
N PRO A 91 -8.26 12.83 15.93
CA PRO A 91 -7.44 12.45 14.77
C PRO A 91 -6.54 13.59 14.35
N TRP A 92 -5.34 13.24 13.86
CA TRP A 92 -4.39 14.28 13.46
C TRP A 92 -4.89 15.08 12.26
N ARG A 93 -5.78 14.52 11.47
CA ARG A 93 -6.46 15.20 10.37
C ARG A 93 -7.89 14.70 10.34
N PRO A 94 -8.80 15.43 9.70
CA PRO A 94 -10.19 14.95 9.60
C PRO A 94 -10.24 13.55 9.03
N PRO A 95 -11.08 12.68 9.60
CA PRO A 95 -11.08 11.27 9.19
C PRO A 95 -11.37 11.09 7.71
N SER A 96 -10.70 10.09 7.12
CA SER A 96 -11.03 9.69 5.77
C SER A 96 -12.46 9.17 5.71
N LEU A 97 -13.18 9.57 4.66
CA LEU A 97 -14.57 9.15 4.50
C LEU A 97 -14.69 7.70 4.04
N ILE A 98 -13.57 7.03 3.75
CA ILE A 98 -13.64 5.66 3.28
C ILE A 98 -12.78 4.76 4.15
N LEU A 99 -11.49 5.06 4.28
CA LEU A 99 -10.60 4.21 5.08
C LEU A 99 -11.01 4.19 6.54
N GLU A 100 -11.45 5.33 7.08
CA GLU A 100 -11.76 5.46 8.49
C GLU A 100 -13.27 5.58 8.72
N ALA A 101 -14.05 4.86 7.92
CA ALA A 101 -15.49 4.80 8.05
C ALA A 101 -15.93 3.34 8.05
N ASP A 102 -17.08 3.08 8.68
CA ASP A 102 -17.69 1.76 8.69
C ASP A 102 -18.96 1.76 7.85
N PRO A 103 -19.40 0.59 7.39
CA PRO A 103 -20.75 0.49 6.83
C PRO A 103 -21.77 0.90 7.87
N PRO A 104 -22.82 1.63 7.48
CA PRO A 104 -23.17 1.99 6.11
C PRO A 104 -22.57 3.29 5.58
N ALA A 105 -22.00 4.14 6.44
CA ALA A 105 -21.44 5.41 5.98
C ALA A 105 -20.32 5.20 4.96
N HIS A 106 -19.63 4.07 5.06
CA HIS A 106 -18.54 3.75 4.15
C HIS A 106 -19.07 3.43 2.74
N THR A 107 -20.30 2.93 2.64
CA THR A 107 -20.72 2.20 1.45
C THR A 107 -20.79 3.08 0.21
N ARG A 108 -21.47 4.23 0.29
CA ARG A 108 -21.64 5.00 -0.93
C ARG A 108 -20.37 5.74 -1.35
N PRO A 109 -19.59 6.31 -0.43
CA PRO A 109 -18.27 6.85 -0.85
C PRO A 109 -17.40 5.79 -1.50
N ARG A 110 -17.41 4.57 -0.96
CA ARG A 110 -16.66 3.48 -1.55
C ARG A 110 -17.14 3.18 -2.98
N ALA A 111 -18.46 3.21 -3.19
CA ALA A 111 -19.00 2.95 -4.53
C ALA A 111 -18.55 4.01 -5.53
N VAL A 112 -18.47 5.27 -5.09
CA VAL A 112 -18.05 6.34 -6.00
C VAL A 112 -16.60 6.15 -6.42
N LEU A 113 -15.71 5.90 -5.45
CA LEU A 113 -14.31 5.67 -5.80
C LEU A 113 -14.15 4.42 -6.66
N SER A 114 -14.99 3.42 -6.47
N SER A 114 -14.99 3.42 -6.46
CA SER A 114 -14.92 2.22 -7.30
CA SER A 114 -14.93 2.22 -7.31
C SER A 114 -15.29 2.54 -8.75
C SER A 114 -15.27 2.56 -8.76
N LYS A 115 -16.29 3.40 -8.96
CA LYS A 115 -16.66 3.77 -10.31
C LYS A 115 -15.68 4.77 -10.93
N VAL A 116 -15.03 5.59 -10.11
CA VAL A 116 -14.02 6.51 -10.63
C VAL A 116 -12.79 5.73 -11.09
N LEU A 117 -12.36 4.74 -10.31
CA LEU A 117 -11.22 3.89 -10.64
C LEU A 117 -11.68 2.56 -11.23
N SER A 118 -12.52 2.67 -12.25
CA SER A 118 -13.26 1.53 -12.80
C SER A 118 -12.49 0.89 -13.94
N PRO A 119 -12.90 -0.31 -14.34
CA PRO A 119 -12.36 -0.90 -15.58
C PRO A 119 -12.42 0.02 -16.79
N ALA A 120 -13.51 0.77 -16.96
CA ALA A 120 -13.60 1.69 -18.08
C ALA A 120 -12.55 2.79 -17.98
N THR A 121 -12.28 3.26 -16.77
CA THR A 121 -11.22 4.26 -16.60
C THR A 121 -9.85 3.66 -16.93
N MET A 122 -9.62 2.41 -16.52
CA MET A 122 -8.35 1.75 -16.84
C MET A 122 -8.18 1.62 -18.34
N LYS A 123 -9.25 1.29 -19.06
CA LYS A 123 -9.17 1.21 -20.52
C LYS A 123 -8.80 2.55 -21.13
N THR A 124 -9.24 3.65 -20.53
CA THR A 124 -8.92 4.97 -21.08
C THR A 124 -7.44 5.33 -20.90
N ILE A 125 -6.81 4.88 -19.81
CA ILE A 125 -5.47 5.33 -19.47
C ILE A 125 -4.39 4.30 -19.76
N ARG A 126 -4.75 3.06 -20.10
CA ARG A 126 -3.76 1.97 -20.16
C ARG A 126 -2.67 2.26 -21.19
N ASP A 127 -3.05 2.68 -22.39
CA ASP A 127 -2.06 2.91 -23.43
C ASP A 127 -1.07 4.00 -23.03
N GLY A 128 -1.55 5.05 -22.35
CA GLY A 128 -0.65 6.09 -21.89
C GLY A 128 0.26 5.61 -20.77
N PHE A 129 -0.28 4.86 -19.82
CA PHE A 129 0.54 4.30 -18.75
C PHE A 129 1.61 3.36 -19.32
N ALA A 130 1.24 2.56 -20.32
CA ALA A 130 2.19 1.62 -20.91
C ALA A 130 3.27 2.35 -21.70
N ALA A 131 2.88 3.34 -22.50
CA ALA A 131 3.87 4.12 -23.24
C ALA A 131 4.88 4.78 -22.29
N ALA A 132 4.39 5.31 -21.16
CA ALA A 132 5.30 5.96 -20.21
C ALA A 132 6.23 4.96 -19.54
N ALA A 133 5.76 3.73 -19.32
CA ALA A 133 6.62 2.70 -18.75
C ALA A 133 7.72 2.30 -19.72
N ASP A 134 7.36 2.08 -20.99
CA ASP A 134 8.36 1.75 -21.99
C ASP A 134 9.38 2.87 -22.16
N ALA A 135 8.91 4.12 -22.19
CA ALA A 135 9.81 5.25 -22.35
C ALA A 135 10.79 5.36 -21.18
N LYS A 136 10.30 5.14 -19.96
CA LYS A 136 11.18 5.23 -18.80
C LYS A 136 12.28 4.18 -18.85
N VAL A 137 11.93 2.94 -19.19
CA VAL A 137 12.94 1.88 -19.26
C VAL A 137 13.95 2.18 -20.35
N ASP A 138 13.47 2.65 -21.51
CA ASP A 138 14.40 3.06 -22.56
C ASP A 138 15.33 4.16 -22.07
N GLU A 139 14.79 5.15 -21.35
CA GLU A 139 15.61 6.21 -20.81
C GLU A 139 16.64 5.68 -19.82
N LEU A 140 16.21 4.78 -18.94
CA LEU A 140 17.12 4.23 -17.93
C LEU A 140 18.22 3.40 -18.57
N LEU A 141 17.90 2.68 -19.65
CA LEU A 141 18.90 1.85 -20.31
C LEU A 141 20.00 2.68 -20.94
N GLN A 142 19.70 3.93 -21.32
CA GLN A 142 20.74 4.81 -21.83
C GLN A 142 21.73 5.22 -20.75
N ARG A 143 21.30 5.24 -19.49
CA ARG A 143 22.19 5.54 -18.38
C ARG A 143 22.90 4.30 -17.85
N GLY A 144 22.27 3.13 -17.94
CA GLY A 144 22.88 1.90 -17.50
C GLY A 144 22.83 1.69 -16.00
N CYS A 145 23.57 2.52 -15.27
CA CYS A 145 23.61 2.46 -13.82
C CYS A 145 22.68 3.53 -13.25
N ILE A 146 21.64 3.09 -12.54
CA ILE A 146 20.59 3.97 -12.05
C ILE A 146 20.26 3.60 -10.62
N ASP A 147 19.41 4.41 -10.00
CA ASP A 147 18.84 4.11 -8.69
C ASP A 147 17.39 3.66 -8.94
N ALA A 148 17.12 2.38 -8.71
CA ALA A 148 15.80 1.83 -9.01
C ALA A 148 14.69 2.45 -8.16
N ILE A 149 15.02 3.16 -7.09
CA ILE A 149 13.98 3.85 -6.33
C ILE A 149 13.72 5.20 -6.98
N ALA A 150 14.65 6.16 -6.82
CA ALA A 150 14.41 7.51 -7.32
C ALA A 150 14.13 7.52 -8.82
N ASP A 151 14.91 6.76 -9.59
CA ASP A 151 14.84 6.85 -11.04
C ASP A 151 13.79 5.96 -11.67
N LEU A 152 13.18 5.04 -10.91
CA LEU A 152 12.22 4.11 -11.48
C LEU A 152 10.97 4.02 -10.61
N ALA A 153 11.12 3.47 -9.40
CA ALA A 153 9.97 3.25 -8.53
C ALA A 153 9.27 4.55 -8.19
N GLU A 154 10.03 5.63 -8.03
CA GLU A 154 9.44 6.94 -7.80
C GLU A 154 9.12 7.64 -9.12
N ALA A 155 10.09 7.67 -10.04
CA ALA A 155 9.96 8.46 -11.25
C ALA A 155 8.78 8.02 -12.11
N TYR A 156 8.56 6.71 -12.26
CA TYR A 156 7.48 6.27 -13.14
C TYR A 156 6.11 6.63 -12.58
N PRO A 157 5.74 6.29 -11.34
CA PRO A 157 4.43 6.73 -10.84
C PRO A 157 4.27 8.24 -10.83
N LEU A 158 5.35 8.99 -10.56
CA LEU A 158 5.27 10.45 -10.63
C LEU A 158 4.99 10.92 -12.05
N SER A 159 5.37 10.13 -13.05
CA SER A 159 5.18 10.54 -14.44
C SER A 159 3.78 10.24 -14.98
N VAL A 160 2.97 9.44 -14.28
CA VAL A 160 1.65 9.06 -14.76
C VAL A 160 0.55 9.43 -13.77
N PHE A 161 0.78 9.26 -12.47
CA PHE A 161 -0.35 9.34 -11.54
C PHE A 161 -0.81 10.77 -11.27
N PRO A 162 0.09 11.73 -10.99
CA PRO A 162 -0.38 13.12 -10.84
C PRO A 162 -1.14 13.63 -12.05
N ASP A 163 -0.70 13.26 -13.27
CA ASP A 163 -1.45 13.66 -14.46
C ASP A 163 -2.81 12.99 -14.52
N ALA A 164 -2.87 11.68 -14.22
CA ALA A 164 -4.15 10.98 -14.21
C ALA A 164 -5.09 11.54 -13.16
N MET A 165 -4.55 12.10 -12.07
CA MET A 165 -5.39 12.77 -11.08
C MET A 165 -5.94 14.09 -11.60
N GLY A 166 -5.22 14.73 -12.52
CA GLY A 166 -5.58 16.08 -12.94
C GLY A 166 -4.89 17.19 -12.18
N LEU A 167 -3.76 16.91 -11.54
CA LEU A 167 -3.07 17.92 -10.75
C LEU A 167 -2.26 18.85 -11.65
N LYS A 168 -2.15 20.11 -11.22
CA LYS A 168 -1.25 21.03 -11.88
C LYS A 168 0.20 20.57 -11.68
N GLN A 169 1.11 21.20 -12.44
CA GLN A 169 2.52 20.83 -12.33
C GLN A 169 3.14 21.34 -11.04
N GLU A 170 2.82 22.58 -10.66
CA GLU A 170 3.46 23.19 -9.49
C GLU A 170 3.07 22.48 -8.21
N GLY A 171 4.06 22.21 -7.37
CA GLY A 171 3.83 21.69 -6.04
C GLY A 171 3.80 20.19 -5.92
N ARG A 172 4.04 19.45 -7.00
CA ARG A 172 3.98 17.99 -6.93
C ARG A 172 5.02 17.41 -5.99
N GLU A 173 6.08 18.17 -5.68
CA GLU A 173 7.08 17.72 -4.72
C GLU A 173 6.50 17.49 -3.33
N HIS A 174 5.28 17.94 -3.06
CA HIS A 174 4.63 17.72 -1.77
C HIS A 174 4.01 16.33 -1.65
N LEU A 175 3.81 15.63 -2.77
CA LEU A 175 2.96 14.44 -2.76
C LEU A 175 3.59 13.29 -1.98
N LEU A 176 4.85 12.97 -2.26
CA LEU A 176 5.49 11.88 -1.54
C LEU A 176 5.71 12.22 -0.06
N PRO A 177 6.16 13.44 0.28
CA PRO A 177 6.23 13.78 1.72
C PRO A 177 4.90 13.70 2.44
N TYR A 178 3.81 14.14 1.79
CA TYR A 178 2.50 14.05 2.44
C TYR A 178 2.11 12.60 2.67
N ALA A 179 2.32 11.74 1.67
CA ALA A 179 1.96 10.34 1.82
C ALA A 179 2.81 9.67 2.90
N GLY A 180 4.10 9.97 2.93
CA GLY A 180 4.94 9.43 3.99
C GLY A 180 4.46 9.83 5.37
N LEU A 181 4.02 11.08 5.51
CA LEU A 181 3.42 11.56 6.76
C LEU A 181 2.17 10.76 7.11
N VAL A 182 1.26 10.59 6.15
CA VAL A 182 0.00 9.88 6.42
C VAL A 182 0.28 8.47 6.92
N PHE A 183 1.19 7.77 6.26
CA PHE A 183 1.45 6.39 6.65
C PHE A 183 2.24 6.30 7.95
N ASN A 184 3.11 7.26 8.21
CA ASN A 184 3.76 7.32 9.53
C ASN A 184 2.74 7.59 10.63
N ALA A 185 1.68 8.33 10.33
CA ALA A 185 0.71 8.74 11.35
C ALA A 185 -0.19 7.60 11.81
N PHE A 186 -0.28 6.50 11.06
CA PHE A 186 -0.97 5.31 11.57
C PHE A 186 -0.20 4.68 12.71
N GLY A 187 1.09 4.96 12.85
CA GLY A 187 1.91 4.29 13.84
C GLY A 187 1.69 4.84 15.23
N PRO A 188 2.43 4.27 16.18
CA PRO A 188 2.40 4.77 17.55
C PRO A 188 3.09 6.11 17.64
N PRO A 189 2.92 6.83 18.75
CA PRO A 189 3.61 8.11 18.89
C PRO A 189 5.10 7.95 19.15
N ASN A 190 5.82 7.37 18.19
CA ASN A 190 7.27 7.28 18.29
C ASN A 190 7.89 8.47 17.55
N GLU A 191 9.22 8.46 17.42
CA GLU A 191 9.89 9.61 16.82
C GLU A 191 9.54 9.75 15.34
N LEU A 192 9.39 8.63 14.63
CA LEU A 192 8.97 8.69 13.23
C LEU A 192 7.67 9.45 13.08
N ARG A 193 6.68 9.15 13.93
CA ARG A 193 5.38 9.77 13.79
C ARG A 193 5.43 11.24 14.18
N GLN A 194 6.06 11.55 15.31
CA GLN A 194 6.00 12.92 15.80
C GLN A 194 6.84 13.85 14.94
N THR A 195 7.94 13.36 14.38
CA THR A 195 8.72 14.16 13.44
C THR A 195 7.93 14.41 12.16
N ALA A 196 7.20 13.41 11.67
CA ALA A 196 6.39 13.60 10.48
C ALA A 196 5.33 14.67 10.70
N ILE A 197 4.64 14.61 11.84
CA ILE A 197 3.58 15.58 12.10
C ILE A 197 4.18 16.97 12.30
N GLU A 198 5.38 17.06 12.89
CA GLU A 198 6.02 18.36 13.08
C GLU A 198 6.25 19.09 11.75
N ARG A 199 6.52 18.35 10.68
CA ARG A 199 6.82 18.94 9.38
C ARG A 199 5.63 18.95 8.43
N SER A 200 4.43 18.68 8.93
CA SER A 200 3.30 18.37 8.07
C SER A 200 2.67 19.60 7.43
N ALA A 201 2.77 20.76 8.08
CA ALA A 201 1.95 21.91 7.70
C ALA A 201 2.02 22.28 6.22
N PRO A 202 3.18 22.43 5.59
CA PRO A 202 3.17 22.81 4.16
C PRO A 202 2.62 21.72 3.25
N HIS A 203 2.79 20.44 3.60
CA HIS A 203 2.28 19.38 2.74
C HIS A 203 0.76 19.27 2.84
N GLN A 204 0.22 19.36 4.05
CA GLN A 204 -1.24 19.37 4.20
C GLN A 204 -1.87 20.52 3.43
N ALA A 205 -1.26 21.70 3.51
CA ALA A 205 -1.83 22.89 2.86
C ALA A 205 -1.94 22.70 1.36
N TYR A 206 -0.86 22.23 0.73
CA TYR A 206 -0.89 21.97 -0.70
C TYR A 206 -1.96 20.94 -1.05
N VAL A 207 -1.96 19.81 -0.34
CA VAL A 207 -2.85 18.70 -0.69
C VAL A 207 -4.31 19.12 -0.54
N ASN A 208 -4.65 19.71 0.61
CA ASN A 208 -6.03 20.14 0.81
C ASN A 208 -6.48 21.13 -0.26
N GLU A 209 -5.57 21.98 -0.74
CA GLU A 209 -5.95 22.94 -1.77
C GLU A 209 -6.18 22.27 -3.12
N GLN A 210 -5.36 21.27 -3.49
CA GLN A 210 -5.57 20.59 -4.76
C GLN A 210 -6.83 19.73 -4.77
N CYS A 211 -7.48 19.54 -3.62
CA CYS A 211 -8.69 18.74 -3.57
C CYS A 211 -9.94 19.51 -4.00
N GLN A 212 -9.82 20.83 -4.18
CA GLN A 212 -10.97 21.64 -4.56
C GLN A 212 -11.22 21.53 -6.06
N ARG A 213 -12.50 21.47 -6.43
CA ARG A 213 -12.90 21.22 -7.82
C ARG A 213 -12.19 22.08 -8.86
N PRO A 214 -12.03 23.40 -8.68
CA PRO A 214 -11.39 24.19 -9.75
C PRO A 214 -9.94 23.82 -10.01
N ASN A 215 -9.28 23.12 -9.09
CA ASN A 215 -7.85 22.81 -9.21
C ASN A 215 -7.59 21.44 -9.80
N LEU A 216 -8.61 20.76 -10.33
CA LEU A 216 -8.47 19.42 -10.86
C LEU A 216 -8.87 19.41 -12.33
N ALA A 217 -7.93 19.00 -13.18
CA ALA A 217 -8.08 19.15 -14.62
C ALA A 217 -9.21 18.26 -15.14
N PRO A 218 -9.94 18.72 -16.17
CA PRO A 218 -11.05 17.93 -16.72
C PRO A 218 -10.57 16.55 -17.16
N GLY A 219 -11.40 15.54 -16.86
CA GLY A 219 -11.14 14.18 -17.29
C GLY A 219 -10.36 13.33 -16.32
N GLY A 220 -9.66 13.93 -15.35
CA GLY A 220 -8.88 13.19 -14.39
C GLY A 220 -9.70 12.62 -13.25
N PHE A 221 -9.02 11.85 -12.40
CA PHE A 221 -9.71 11.18 -11.29
C PHE A 221 -10.38 12.19 -10.37
N GLY A 222 -9.70 13.31 -10.09
CA GLY A 222 -10.26 14.28 -9.16
C GLY A 222 -11.52 14.94 -9.70
N ALA A 223 -11.49 15.36 -10.97
CA ALA A 223 -12.68 15.94 -11.58
C ALA A 223 -13.82 14.94 -11.64
N CYS A 224 -13.51 13.67 -11.83
CA CYS A 224 -14.54 12.64 -11.88
CA CYS A 224 -14.56 12.66 -11.89
C CYS A 224 -15.21 12.44 -10.53
N ILE A 225 -14.44 12.57 -9.45
CA ILE A 225 -15.02 12.49 -8.11
C ILE A 225 -16.00 13.63 -7.91
N HIS A 226 -15.58 14.85 -8.26
CA HIS A 226 -16.46 16.01 -8.08
C HIS A 226 -17.68 15.94 -8.99
N ALA A 227 -17.57 15.26 -10.14
CA ALA A 227 -18.73 15.10 -11.02
C ALA A 227 -19.72 14.07 -10.49
N PHE A 228 -19.31 13.25 -9.54
CA PHE A 228 -20.19 12.20 -8.99
C PHE A 228 -20.92 12.70 -7.74
N THR A 229 -21.04 14.01 -7.56
CA THR A 229 -21.64 14.59 -6.36
C THR A 229 -23.13 14.89 -6.51
N ASP A 230 -23.79 14.36 -7.55
CA ASP A 230 -25.19 14.68 -7.78
C ASP A 230 -26.07 13.44 -7.93
N THR A 231 -25.57 12.26 -7.58
CA THR A 231 -26.30 11.02 -7.76
C THR A 231 -27.00 10.54 -6.50
N GLY A 232 -26.83 11.23 -5.38
CA GLY A 232 -27.33 10.74 -4.11
C GLY A 232 -26.37 9.81 -3.39
N GLU A 233 -25.17 9.62 -3.92
CA GLU A 233 -24.16 8.81 -3.25
C GLU A 233 -23.23 9.67 -2.40
N ILE A 234 -22.75 10.78 -2.94
N ILE A 234 -22.83 10.82 -2.95
CA ILE A 234 -21.97 11.73 -2.17
CA ILE A 234 -21.88 11.75 -2.33
C ILE A 234 -22.48 13.13 -2.47
C ILE A 234 -22.39 13.16 -2.56
N THR A 235 -22.21 14.04 -1.55
CA THR A 235 -22.54 15.45 -1.73
C THR A 235 -21.29 16.23 -2.10
N PRO A 236 -21.43 17.44 -2.65
CA PRO A 236 -20.24 18.22 -3.03
C PRO A 236 -19.23 18.41 -1.91
N ASP A 237 -19.68 18.56 -0.65
CA ASP A 237 -18.73 18.77 0.45
C ASP A 237 -17.97 17.51 0.84
N GLU A 238 -18.32 16.34 0.29
CA GLU A 238 -17.55 15.13 0.53
C GLU A 238 -16.48 14.89 -0.52
N ALA A 239 -16.60 15.52 -1.68
CA ALA A 239 -15.64 15.26 -2.76
C ALA A 239 -14.20 15.66 -2.41
N PRO A 240 -13.91 16.81 -1.77
CA PRO A 240 -12.51 17.11 -1.45
C PRO A 240 -11.83 16.03 -0.62
N LEU A 241 -12.50 15.48 0.38
CA LEU A 241 -11.86 14.43 1.19
C LEU A 241 -11.68 13.14 0.41
N LEU A 242 -12.54 12.87 -0.57
CA LEU A 242 -12.35 11.67 -1.39
C LEU A 242 -11.18 11.85 -2.35
N VAL A 243 -10.99 13.05 -2.89
CA VAL A 243 -9.77 13.35 -3.63
C VAL A 243 -8.55 13.19 -2.71
N ARG A 244 -8.69 13.66 -1.47
CA ARG A 244 -7.59 13.53 -0.50
C ARG A 244 -7.22 12.06 -0.28
N SER A 245 -8.21 11.17 -0.28
CA SER A 245 -7.92 9.74 -0.14
C SER A 245 -7.00 9.25 -1.26
N LEU A 246 -7.25 9.70 -2.50
CA LEU A 246 -6.42 9.25 -3.61
C LEU A 246 -5.04 9.89 -3.56
N LEU A 247 -4.94 11.14 -3.12
CA LEU A 247 -3.64 11.79 -2.99
C LEU A 247 -2.87 11.27 -1.78
N SER A 248 -3.56 10.64 -0.83
CA SER A 248 -2.87 10.05 0.31
C SER A 248 -2.36 8.65 -0.01
N ALA A 249 -3.18 7.83 -0.67
CA ALA A 249 -2.93 6.41 -0.80
C ALA A 249 -2.49 5.97 -2.20
N GLY A 250 -2.57 6.85 -3.20
CA GLY A 250 -2.43 6.40 -4.57
C GLY A 250 -1.04 6.46 -5.17
N LEU A 251 -0.07 7.08 -4.51
CA LEU A 251 1.26 7.28 -5.08
C LEU A 251 2.33 6.50 -4.33
N ASP A 252 2.52 6.77 -3.04
CA ASP A 252 3.59 6.14 -2.28
C ASP A 252 3.43 4.62 -2.22
N THR A 253 2.19 4.14 -2.19
CA THR A 253 1.95 2.70 -2.22
C THR A 253 2.53 2.07 -3.49
N THR A 254 2.20 2.64 -4.65
CA THR A 254 2.69 2.11 -5.92
C THR A 254 4.20 2.24 -6.03
N VAL A 255 4.78 3.31 -5.48
CA VAL A 255 6.23 3.45 -5.44
C VAL A 255 6.86 2.25 -4.76
N ASN A 256 6.34 1.89 -3.59
N ASN A 256 6.35 1.89 -3.58
CA ASN A 256 6.92 0.76 -2.85
CA ASN A 256 6.92 0.76 -2.85
C ASN A 256 6.53 -0.57 -3.46
C ASN A 256 6.54 -0.57 -3.47
N GLY A 257 5.40 -0.63 -4.17
CA GLY A 257 5.04 -1.87 -4.85
C GLY A 257 5.94 -2.13 -6.04
N ILE A 258 6.16 -1.11 -6.87
CA ILE A 258 7.07 -1.27 -8.00
C ILE A 258 8.49 -1.47 -7.52
N GLY A 259 8.91 -0.72 -6.49
CA GLY A 259 10.23 -0.93 -5.91
C GLY A 259 10.40 -2.34 -5.38
N ALA A 260 9.35 -2.89 -4.77
CA ALA A 260 9.41 -4.28 -4.31
C ALA A 260 9.63 -5.23 -5.46
N ALA A 261 8.91 -5.02 -6.57
CA ALA A 261 9.03 -5.91 -7.72
C ALA A 261 10.43 -5.88 -8.31
N VAL A 262 11.01 -4.68 -8.45
CA VAL A 262 12.35 -4.58 -9.00
C VAL A 262 13.36 -5.20 -8.05
N TYR A 263 13.21 -4.94 -6.74
CA TYR A 263 14.08 -5.57 -5.74
C TYR A 263 14.00 -7.09 -5.82
N CYS A 264 12.80 -7.63 -6.01
CA CYS A 264 12.65 -9.09 -6.13
C CYS A 264 13.34 -9.60 -7.38
N LEU A 265 13.14 -8.94 -8.52
CA LEU A 265 13.78 -9.39 -9.75
C LEU A 265 15.29 -9.26 -9.67
N ALA A 266 15.79 -8.26 -8.93
CA ALA A 266 17.23 -8.10 -8.78
C ALA A 266 17.83 -9.20 -7.90
N ARG A 267 17.08 -9.68 -6.91
CA ARG A 267 17.55 -10.71 -5.99
C ARG A 267 17.32 -12.12 -6.51
N PHE A 268 16.32 -12.33 -7.37
CA PHE A 268 15.97 -13.65 -7.89
C PHE A 268 16.12 -13.62 -9.41
N PRO A 269 17.36 -13.65 -9.92
CA PRO A 269 17.55 -13.56 -11.38
C PRO A 269 16.86 -14.67 -12.16
N GLY A 270 16.70 -15.86 -11.56
CA GLY A 270 15.98 -16.92 -12.24
C GLY A 270 14.56 -16.54 -12.58
N GLU A 271 13.93 -15.71 -11.73
CA GLU A 271 12.57 -15.26 -12.01
C GLU A 271 12.53 -14.15 -13.04
N LEU A 272 13.56 -13.30 -13.09
CA LEU A 272 13.66 -12.35 -14.20
C LEU A 272 13.77 -13.08 -15.53
N GLN A 273 14.53 -14.18 -15.56
CA GLN A 273 14.68 -14.94 -16.79
CA GLN A 273 14.69 -14.93 -16.80
C GLN A 273 13.37 -15.59 -17.21
N ARG A 274 12.58 -16.05 -16.23
CA ARG A 274 11.27 -16.59 -16.57
C ARG A 274 10.34 -15.49 -17.07
N LEU A 275 10.40 -14.30 -16.46
CA LEU A 275 9.56 -13.20 -16.90
C LEU A 275 9.92 -12.75 -18.32
N ARG A 276 11.21 -12.66 -18.63
CA ARG A 276 11.64 -12.31 -19.99
C ARG A 276 11.08 -13.29 -21.01
N SER A 277 11.05 -14.59 -20.67
N SER A 277 11.05 -14.58 -20.67
CA SER A 277 10.62 -15.60 -21.62
CA SER A 277 10.62 -15.60 -21.62
C SER A 277 9.11 -15.60 -21.83
C SER A 277 9.12 -15.54 -21.86
N ASP A 278 8.34 -15.04 -20.90
CA ASP A 278 6.90 -14.90 -21.08
C ASP A 278 6.48 -13.59 -20.41
N PRO A 279 6.50 -12.48 -21.16
CA PRO A 279 6.09 -11.19 -20.58
C PRO A 279 4.64 -11.15 -20.11
N THR A 280 3.79 -12.10 -20.51
CA THR A 280 2.43 -12.10 -19.99
C THR A 280 2.38 -12.48 -18.51
N LEU A 281 3.50 -12.89 -17.93
CA LEU A 281 3.59 -13.13 -16.49
C LEU A 281 3.76 -11.84 -15.70
N ALA A 282 3.80 -10.68 -16.36
CA ALA A 282 4.12 -9.43 -15.68
C ALA A 282 3.11 -9.12 -14.57
N ARG A 283 1.82 -9.30 -14.84
CA ARG A 283 0.81 -8.96 -13.85
C ARG A 283 0.93 -9.82 -12.60
N ASN A 284 1.14 -11.13 -12.77
CA ASN A 284 1.28 -11.98 -11.60
C ASN A 284 2.64 -11.81 -10.93
N ALA A 285 3.68 -11.47 -11.70
CA ALA A 285 4.97 -11.15 -11.10
C ALA A 285 4.85 -9.95 -10.17
N PHE A 286 4.05 -8.96 -10.56
CA PHE A 286 3.82 -7.82 -9.67
C PHE A 286 2.98 -8.22 -8.47
N GLU A 287 1.93 -9.01 -8.69
CA GLU A 287 1.10 -9.49 -7.58
C GLU A 287 1.93 -10.26 -6.58
N GLU A 288 2.84 -11.11 -7.07
CA GLU A 288 3.68 -11.88 -6.15
C GLU A 288 4.61 -10.97 -5.36
N ALA A 289 5.10 -9.89 -5.98
CA ALA A 289 5.94 -8.94 -5.27
C ALA A 289 5.16 -8.26 -4.15
N VAL A 290 3.88 -7.95 -4.39
CA VAL A 290 3.05 -7.36 -3.34
C VAL A 290 2.90 -8.33 -2.17
N ARG A 291 2.69 -9.61 -2.45
CA ARG A 291 2.64 -10.59 -1.37
C ARG A 291 4.00 -10.69 -0.67
N PHE A 292 5.07 -10.79 -1.47
CA PHE A 292 6.40 -11.10 -0.93
C PHE A 292 6.92 -9.98 -0.04
N GLU A 293 6.80 -8.73 -0.48
CA GLU A 293 7.29 -7.62 0.34
C GLU A 293 6.20 -6.97 1.18
N SER A 294 4.94 -7.01 0.73
CA SER A 294 3.82 -6.37 1.41
C SER A 294 4.12 -4.92 1.73
N PRO A 295 4.09 -4.03 0.73
CA PRO A 295 4.40 -2.61 0.95
C PRO A 295 3.62 -1.99 2.10
N VAL A 296 2.34 -2.31 2.22
CA VAL A 296 1.56 -1.92 3.40
C VAL A 296 1.66 -3.07 4.39
N GLN A 297 2.41 -2.86 5.49
CA GLN A 297 2.76 -3.95 6.39
C GLN A 297 1.65 -4.24 7.40
N THR A 298 0.97 -3.21 7.87
CA THR A 298 0.13 -3.32 9.06
C THR A 298 -1.06 -2.36 8.95
N PHE A 299 -2.17 -2.75 9.58
CA PHE A 299 -3.25 -1.83 9.89
C PHE A 299 -3.90 -2.30 11.18
N PHE A 300 -4.55 -1.37 11.87
CA PHE A 300 -5.28 -1.66 13.10
C PHE A 300 -6.79 -1.75 12.83
N ARG A 301 -7.49 -2.43 13.74
CA ARG A 301 -8.93 -2.32 13.92
C ARG A 301 -9.22 -2.07 15.40
N THR A 302 -10.46 -1.69 15.70
CA THR A 302 -10.89 -1.53 17.09
C THR A 302 -12.13 -2.37 17.35
N THR A 303 -12.12 -3.14 18.42
CA THR A 303 -13.26 -4.00 18.73
C THR A 303 -14.45 -3.17 19.20
N THR A 304 -15.63 -3.51 18.69
CA THR A 304 -16.86 -2.85 19.11
C THR A 304 -17.63 -3.65 20.16
N ARG A 305 -17.15 -4.85 20.51
CA ARG A 305 -17.77 -5.69 21.52
C ARG A 305 -16.72 -6.66 22.03
N GLU A 306 -17.08 -7.38 23.09
CA GLU A 306 -16.29 -8.53 23.50
C GLU A 306 -16.39 -9.60 22.41
N VAL A 307 -15.26 -10.24 22.11
CA VAL A 307 -15.20 -11.16 20.98
C VAL A 307 -14.20 -12.27 21.28
N GLU A 308 -14.50 -13.48 20.83
CA GLU A 308 -13.54 -14.58 20.84
C GLU A 308 -12.80 -14.61 19.52
N LEU A 309 -11.47 -14.64 19.59
CA LEU A 309 -10.62 -14.70 18.41
C LEU A 309 -9.50 -15.67 18.72
N GLY A 310 -9.41 -16.76 17.94
CA GLY A 310 -8.41 -17.78 18.16
C GLY A 310 -8.37 -18.30 19.58
N GLY A 311 -9.55 -18.56 20.15
CA GLY A 311 -9.64 -19.07 21.50
C GLY A 311 -9.37 -18.05 22.59
N ALA A 312 -9.16 -16.78 22.25
CA ALA A 312 -8.90 -15.74 23.21
C ALA A 312 -10.07 -14.75 23.25
N VAL A 313 -10.34 -14.22 24.43
CA VAL A 313 -11.43 -13.27 24.63
C VAL A 313 -10.84 -11.86 24.63
N ILE A 314 -11.30 -11.04 23.70
CA ILE A 314 -10.87 -9.65 23.59
C ILE A 314 -12.03 -8.74 23.95
N GLY A 315 -11.80 -7.82 24.87
CA GLY A 315 -12.86 -6.93 25.32
C GLY A 315 -13.21 -5.86 24.31
N GLU A 316 -14.24 -5.10 24.64
CA GLU A 316 -14.66 -3.98 23.81
C GLU A 316 -13.62 -2.86 23.84
N GLY A 317 -13.52 -2.14 22.73
CA GLY A 317 -12.68 -0.96 22.67
C GLY A 317 -11.20 -1.24 22.71
N GLU A 318 -10.78 -2.40 22.21
CA GLU A 318 -9.38 -2.78 22.17
C GLU A 318 -8.84 -2.65 20.76
N LYS A 319 -7.61 -2.16 20.63
CA LYS A 319 -6.96 -2.09 19.33
C LYS A 319 -6.38 -3.45 18.97
N VAL A 320 -6.56 -3.85 17.71
CA VAL A 320 -6.05 -5.11 17.20
C VAL A 320 -5.15 -4.81 16.01
N LEU A 321 -3.88 -5.19 16.11
CA LEU A 321 -2.89 -4.94 15.06
C LEU A 321 -2.80 -6.15 14.15
N MET A 322 -3.09 -5.95 12.86
CA MET A 322 -3.00 -6.99 11.85
C MET A 322 -1.67 -6.90 11.13
N PHE A 323 -0.92 -8.01 11.10
CA PHE A 323 0.36 -8.05 10.40
C PHE A 323 0.10 -8.63 9.00
N LEU A 324 -0.18 -7.73 8.05
CA LEU A 324 -0.48 -8.17 6.68
C LEU A 324 0.72 -8.87 6.05
N GLY A 325 1.92 -8.32 6.23
CA GLY A 325 3.11 -8.93 5.64
C GLY A 325 3.39 -10.30 6.22
N SER A 326 3.16 -10.47 7.52
CA SER A 326 3.34 -11.77 8.15
C SER A 326 2.31 -12.78 7.67
N ALA A 327 1.05 -12.34 7.55
CA ALA A 327 0.01 -13.21 6.99
C ALA A 327 0.39 -13.69 5.60
N ASN A 328 1.05 -12.83 4.82
CA ASN A 328 1.46 -13.17 3.47
C ASN A 328 2.69 -14.06 3.42
N ARG A 329 3.32 -14.35 4.57
CA ARG A 329 4.43 -15.28 4.64
C ARG A 329 4.16 -16.41 5.63
N ASP A 330 2.92 -16.60 6.03
CA ASP A 330 2.55 -17.65 6.97
C ASP A 330 2.67 -19.01 6.29
N PRO A 331 3.56 -19.90 6.76
CA PRO A 331 3.65 -21.24 6.15
C PRO A 331 2.42 -22.09 6.38
N ARG A 332 1.54 -21.73 7.31
CA ARG A 332 0.27 -22.42 7.45
C ARG A 332 -0.61 -22.21 6.23
N ARG A 333 -0.40 -21.13 5.48
CA ARG A 333 -1.19 -20.80 4.30
C ARG A 333 -0.42 -20.93 3.00
N TRP A 334 0.88 -20.67 3.00
CA TRP A 334 1.66 -20.61 1.78
C TRP A 334 2.75 -21.68 1.76
N SER A 335 2.93 -22.32 0.60
N SER A 335 2.93 -22.32 0.60
CA SER A 335 4.06 -23.20 0.39
CA SER A 335 4.06 -23.19 0.38
C SER A 335 5.28 -22.37 0.00
C SER A 335 5.27 -22.36 0.01
N ASP A 336 6.40 -22.63 0.66
CA ASP A 336 7.64 -21.89 0.45
C ASP A 336 7.39 -20.38 0.49
N PRO A 337 6.84 -19.86 1.61
CA PRO A 337 6.39 -18.45 1.61
C PRO A 337 7.51 -17.46 1.40
N ASP A 338 8.74 -17.83 1.72
CA ASP A 338 9.88 -16.93 1.61
C ASP A 338 10.56 -16.99 0.24
N LEU A 339 9.93 -17.65 -0.73
CA LEU A 339 10.44 -17.68 -2.11
C LEU A 339 9.59 -16.76 -2.98
N TYR A 340 10.26 -16.03 -3.87
CA TYR A 340 9.59 -15.21 -4.86
C TYR A 340 9.33 -16.06 -6.11
N ASP A 341 8.06 -16.30 -6.40
CA ASP A 341 7.65 -17.23 -7.46
C ASP A 341 6.59 -16.54 -8.32
N ILE A 342 6.97 -16.14 -9.54
CA ILE A 342 6.07 -15.33 -10.37
C ILE A 342 4.93 -16.13 -10.99
N THR A 343 4.94 -17.46 -10.88
CA THR A 343 3.80 -18.26 -11.29
C THR A 343 3.02 -18.82 -10.11
N ARG A 344 3.27 -18.32 -8.90
CA ARG A 344 2.51 -18.72 -7.73
C ARG A 344 1.04 -18.32 -7.89
N LYS A 345 0.14 -19.17 -7.41
CA LYS A 345 -1.26 -18.80 -7.28
C LYS A 345 -1.38 -17.83 -6.10
N THR A 346 -1.44 -16.54 -6.40
CA THR A 346 -1.37 -15.50 -5.38
C THR A 346 -2.73 -15.10 -4.84
N SER A 347 -3.83 -15.61 -5.39
N SER A 347 -3.83 -15.61 -5.39
N SER A 347 -3.83 -15.61 -5.39
CA SER A 347 -5.16 -15.21 -4.96
CA SER A 347 -5.16 -15.21 -4.96
CA SER A 347 -5.16 -15.21 -4.96
C SER A 347 -5.34 -15.53 -3.48
C SER A 347 -5.34 -15.53 -3.48
C SER A 347 -5.34 -15.53 -3.48
N GLY A 348 -5.84 -14.54 -2.73
CA GLY A 348 -6.05 -14.68 -1.31
C GLY A 348 -5.05 -13.96 -0.45
N HIS A 349 -3.91 -13.53 -1.01
CA HIS A 349 -2.98 -12.72 -0.24
C HIS A 349 -3.67 -11.44 0.23
N VAL A 350 -3.17 -10.89 1.33
CA VAL A 350 -3.83 -9.73 1.97
C VAL A 350 -3.00 -8.46 1.81
N GLY A 351 -2.13 -8.39 0.81
CA GLY A 351 -1.35 -7.18 0.57
C GLY A 351 -2.18 -5.98 0.15
N PHE A 352 -3.36 -6.23 -0.44
CA PHE A 352 -4.34 -5.18 -0.72
C PHE A 352 -5.49 -5.20 0.27
N GLY A 353 -5.36 -5.94 1.37
CA GLY A 353 -6.46 -6.09 2.29
C GLY A 353 -7.40 -7.21 1.86
N SER A 354 -8.60 -7.19 2.45
CA SER A 354 -9.60 -8.21 2.18
C SER A 354 -10.93 -7.73 2.75
N GLY A 355 -12.01 -7.97 2.00
CA GLY A 355 -13.33 -7.58 2.48
C GLY A 355 -13.78 -6.22 1.97
N VAL A 356 -14.59 -5.52 2.79
CA VAL A 356 -15.26 -4.32 2.31
C VAL A 356 -14.29 -3.16 2.10
N HIS A 357 -13.13 -3.16 2.76
CA HIS A 357 -12.14 -2.10 2.60
C HIS A 357 -11.00 -2.49 1.66
N MET A 358 -11.10 -3.64 1.00
N MET A 358 -11.10 -3.64 1.00
CA MET A 358 -10.01 -4.08 0.12
CA MET A 358 -10.01 -4.07 0.13
C MET A 358 -9.70 -3.02 -0.93
C MET A 358 -9.71 -3.02 -0.92
N CYS A 359 -8.41 -2.75 -1.12
CA CYS A 359 -7.91 -1.62 -1.89
C CYS A 359 -8.77 -1.20 -3.08
N VAL A 360 -9.44 -0.06 -2.97
CA VAL A 360 -10.28 0.42 -4.06
C VAL A 360 -9.44 0.89 -5.25
N GLY A 361 -8.15 1.14 -5.06
CA GLY A 361 -7.29 1.54 -6.16
C GLY A 361 -6.43 0.43 -6.73
N GLN A 362 -6.80 -0.83 -6.46
CA GLN A 362 -5.93 -1.95 -6.83
C GLN A 362 -5.81 -2.10 -8.34
N LEU A 363 -6.82 -1.70 -9.11
CA LEU A 363 -6.70 -1.76 -10.57
C LEU A 363 -5.66 -0.77 -11.08
N VAL A 364 -5.55 0.39 -10.45
CA VAL A 364 -4.49 1.34 -10.82
C VAL A 364 -3.13 0.78 -10.44
N ALA A 365 -3.01 0.28 -9.21
CA ALA A 365 -1.74 -0.29 -8.76
C ALA A 365 -1.29 -1.41 -9.69
N ARG A 366 -2.20 -2.34 -9.99
CA ARG A 366 -1.85 -3.47 -10.85
C ARG A 366 -1.55 -3.04 -12.27
N LEU A 367 -2.24 -2.01 -12.78
CA LEU A 367 -1.94 -1.52 -14.13
C LEU A 367 -0.53 -0.95 -14.20
N GLU A 368 -0.17 -0.12 -13.23
CA GLU A 368 1.18 0.46 -13.20
C GLU A 368 2.23 -0.63 -13.08
N GLY A 369 2.04 -1.55 -12.14
CA GLY A 369 3.00 -2.64 -11.96
C GLY A 369 3.11 -3.53 -13.17
N GLU A 370 1.98 -3.87 -13.78
CA GLU A 370 2.01 -4.74 -14.96
C GLU A 370 2.81 -4.10 -16.10
N VAL A 371 2.48 -2.85 -16.45
CA VAL A 371 3.12 -2.25 -17.62
C VAL A 371 4.59 -1.97 -17.37
N MET A 372 4.98 -1.68 -16.13
CA MET A 372 6.41 -1.50 -15.85
C MET A 372 7.15 -2.83 -15.94
N LEU A 373 6.56 -3.90 -15.38
CA LEU A 373 7.25 -5.19 -15.46
C LEU A 373 7.23 -5.74 -16.88
N SER A 374 6.23 -5.38 -17.68
CA SER A 374 6.23 -5.75 -19.09
C SER A 374 7.37 -5.06 -19.83
N ALA A 375 7.56 -3.76 -19.59
CA ALA A 375 8.66 -3.03 -20.20
C ALA A 375 10.00 -3.66 -19.83
N LEU A 376 10.18 -4.00 -18.55
CA LEU A 376 11.40 -4.65 -18.12
C LEU A 376 11.57 -6.01 -18.79
N ALA A 377 10.49 -6.80 -18.86
CA ALA A 377 10.55 -8.13 -19.45
C ALA A 377 11.01 -8.07 -20.90
N ARG A 378 10.57 -7.06 -21.64
CA ARG A 378 10.87 -6.99 -23.06
C ARG A 378 12.20 -6.30 -23.37
N LYS A 379 12.69 -5.42 -22.48
CA LYS A 379 13.81 -4.57 -22.80
C LYS A 379 15.09 -4.84 -22.02
N VAL A 380 15.01 -5.55 -20.89
CA VAL A 380 16.15 -5.69 -19.97
C VAL A 380 16.56 -7.15 -19.89
N ALA A 381 17.86 -7.40 -20.00
CA ALA A 381 18.40 -8.75 -19.91
C ALA A 381 18.87 -9.11 -18.49
N ALA A 382 19.36 -8.13 -17.73
CA ALA A 382 19.82 -8.41 -16.39
C ALA A 382 19.64 -7.16 -15.51
N ILE A 383 19.40 -7.41 -14.22
CA ILE A 383 19.30 -6.37 -13.20
C ILE A 383 20.24 -6.77 -12.07
N ASP A 384 21.36 -6.06 -11.94
CA ASP A 384 22.39 -6.41 -10.98
C ASP A 384 22.54 -5.27 -9.97
N ILE A 385 22.39 -5.60 -8.69
CA ILE A 385 22.67 -4.61 -7.65
C ILE A 385 24.15 -4.27 -7.70
N ASP A 386 24.47 -2.98 -7.79
CA ASP A 386 25.86 -2.56 -7.94
C ASP A 386 26.20 -1.41 -6.99
N GLY A 387 25.55 -1.37 -5.83
CA GLY A 387 25.81 -0.34 -4.85
C GLY A 387 25.12 -0.66 -3.54
N PRO A 388 25.39 0.14 -2.50
CA PRO A 388 24.80 -0.12 -1.19
C PRO A 388 23.29 0.07 -1.23
N VAL A 389 22.57 -0.92 -0.73
CA VAL A 389 21.12 -0.84 -0.62
C VAL A 389 20.77 -0.17 0.70
N LYS A 390 19.89 0.83 0.64
CA LYS A 390 19.47 1.58 1.83
C LYS A 390 17.97 1.44 2.01
N ARG A 391 17.55 1.09 3.22
CA ARG A 391 16.13 0.92 3.52
C ARG A 391 15.52 2.24 3.96
N ARG A 392 14.24 2.43 3.62
CA ARG A 392 13.44 3.56 4.05
C ARG A 392 12.53 3.12 5.20
N PHE A 393 12.54 3.87 6.29
CA PHE A 393 11.80 3.49 7.48
C PHE A 393 10.51 4.29 7.58
N ASN A 394 9.41 3.59 7.83
CA ASN A 394 8.08 4.18 7.93
C ASN A 394 7.24 3.27 8.82
N ASN A 395 6.36 3.89 9.62
CA ASN A 395 5.58 3.09 10.57
C ASN A 395 4.63 2.10 9.88
N THR A 396 4.26 2.35 8.62
CA THR A 396 3.33 1.47 7.92
C THR A 396 3.89 0.89 6.63
N LEU A 397 4.74 1.62 5.91
CA LEU A 397 5.23 1.18 4.61
C LEU A 397 6.58 0.51 4.74
N ARG A 398 6.75 -0.58 3.99
CA ARG A 398 8.04 -1.25 3.85
C ARG A 398 8.57 -0.99 2.45
N GLY A 399 9.82 -0.51 2.37
CA GLY A 399 10.41 -0.23 1.07
C GLY A 399 11.81 0.29 1.24
N LEU A 400 12.45 0.54 0.10
CA LEU A 400 13.84 0.96 0.07
C LEU A 400 13.96 2.45 -0.21
N GLU A 401 15.02 3.05 0.35
CA GLU A 401 15.38 4.42 0.04
C GLU A 401 16.22 4.50 -1.23
N SER A 402 17.12 3.54 -1.42
CA SER A 402 18.02 3.55 -2.56
C SER A 402 18.31 2.12 -2.98
N LEU A 403 18.25 1.86 -4.29
CA LEU A 403 18.50 0.54 -4.86
C LEU A 403 19.36 0.71 -6.10
N PRO A 404 20.68 0.83 -5.94
CA PRO A 404 21.56 0.98 -7.11
C PRO A 404 21.62 -0.30 -7.92
N VAL A 405 21.27 -0.21 -9.20
CA VAL A 405 21.30 -1.35 -10.09
C VAL A 405 21.94 -0.97 -11.42
N LYS A 406 22.58 -1.95 -12.04
CA LYS A 406 22.97 -1.88 -13.43
C LYS A 406 21.94 -2.62 -14.27
N LEU A 407 21.40 -1.95 -15.28
CA LEU A 407 20.46 -2.58 -16.22
C LEU A 407 21.20 -2.93 -17.50
N THR A 408 21.17 -4.21 -17.87
CA THR A 408 21.75 -4.64 -19.14
C THR A 408 20.65 -4.76 -20.18
N PRO A 409 20.82 -4.16 -21.36
CA PRO A 409 19.76 -4.25 -22.38
C PRO A 409 19.69 -5.63 -23.00
N ALA A 410 18.47 -6.01 -23.38
CA ALA A 410 18.22 -7.30 -24.01
C ALA A 410 18.79 -7.35 -25.41
C02 OVM B . -7.27 7.60 2.86
C04 OVM B . -6.10 6.62 2.94
C05 OVM B . -4.88 7.02 3.46
C06 OVM B . -3.82 6.13 3.53
C07 OVM B . -3.99 4.83 3.08
C08 OVM B . -5.21 4.42 2.55
C10 OVM B . -4.45 2.19 2.57
C11 OVM B . -6.27 5.32 2.48
O01 OVM B . -7.06 8.82 3.12
O03 OVM B . -8.42 7.20 2.56
O09 OVM B . -5.38 3.12 2.09
CHA HEM C . -7.18 0.42 0.81
CHB HEM C . -2.77 -1.48 -0.02
CHC HEM C . -2.50 1.18 -4.08
CHD HEM C . -6.26 3.82 -2.55
C1A HEM C . -6.06 -0.39 0.92
C2A HEM C . -5.83 -1.45 1.89
C3A HEM C . -4.61 -1.97 1.66
C4A HEM C . -4.02 -1.25 0.53
CMA HEM C . -3.95 -3.11 2.45
CAA HEM C . -6.81 -1.92 2.98
CBA HEM C . -6.88 -0.92 4.13
CGA HEM C . -7.72 -1.46 5.27
O1A HEM C . -7.92 -0.71 6.26
O2A HEM C . -8.18 -2.63 5.19
C1B HEM C . -2.33 -0.97 -1.23
C2B HEM C . -1.15 -1.38 -1.95
C3B HEM C . -1.06 -0.64 -3.08
C4B HEM C . -2.20 0.26 -3.10
CMB HEM C . -0.17 -2.48 -1.46
CAB HEM C . -0.01 -0.66 -4.21
CBB HEM C . 0.90 -1.63 -4.40
C1C HEM C . -3.51 2.12 -4.06
C2C HEM C . -3.83 3.07 -5.10
C3C HEM C . -4.88 3.82 -4.68
C4C HEM C . -5.25 3.34 -3.37
CMC HEM C . -3.05 3.15 -6.43
CAC HEM C . -5.62 4.97 -5.40
CBC HEM C . -5.42 5.34 -6.67
C1D HEM C . -6.84 3.13 -1.50
C2D HEM C . -7.99 3.55 -0.72
C3D HEM C . -8.24 2.61 0.20
C4D HEM C . -7.26 1.56 0.05
CMD HEM C . -8.79 4.85 -0.93
CAD HEM C . -9.38 2.63 1.24
CBD HEM C . -10.45 1.65 0.75
CGD HEM C . -11.55 1.45 1.76
O1D HEM C . -12.66 0.98 1.36
O2D HEM C . -11.36 1.77 2.96
NA HEM C . -4.93 -0.30 0.12
NB HEM C . -2.95 0.03 -1.96
NC HEM C . -4.39 2.31 -3.02
ND HEM C . -6.42 1.92 -0.99
FE HEM C . -4.78 0.85 -1.60
CL CL D . -4.14 16.52 5.78
#